data_6J3P
#
_entry.id   6J3P
#
_cell.length_a   45.572
_cell.length_b   73.092
_cell.length_c   76.222
_cell.angle_alpha   90.00
_cell.angle_beta   90.00
_cell.angle_gamma   90.00
#
_symmetry.space_group_name_H-M   'P 21 21 21'
#
loop_
_entity.id
_entity.type
_entity.pdbx_description
1 polymer 'Histone acetyltransferase KAT2A'
2 non-polymer 2-{[(3R,5R)-5-(2,3-dihydro-1,4-benzodioxin-6-yl)-1-methylpiperidin-3-yl]amino}-3-methyl-3,5-dihydro-4H-pyrrolo[3,2-d]pyrimidin-4-one
3 water water
#
_entity_poly.entity_id   1
_entity_poly.type   'polypeptide(L)'
_entity_poly.pdbx_seq_one_letter_code
;MHHHHHHSSGVDLGTENLYFQSMELKDPDQLYTTLKNLLAQIKSHPSAWPFMEPVKKSEAPDYYEVIRFPIDLKTMTERL
RSRYYVTRKLFVADLQRVIANCREYNPPDSEYCRCASALEKFFYFKLKEGGLIDK
;
_entity_poly.pdbx_strand_id   A,B
#
loop_
_chem_comp.id
_chem_comp.type
_chem_comp.name
_chem_comp.formula
B8O non-polymer 2-{[(3R,5R)-5-(2,3-dihydro-1,4-benzodioxin-6-yl)-1-methylpiperidin-3-yl]amino}-3-methyl-3,5-dihydro-4H-pyrrolo[3,2-d]pyrimidin-4-one 'C21 H25 N5 O3'
#
# COMPACT_ATOMS: atom_id res chain seq x y z
N ASP A 27 -26.34 -15.57 6.69
CA ASP A 27 -27.00 -14.71 7.66
C ASP A 27 -27.01 -13.23 7.20
N PRO A 28 -27.97 -12.84 6.35
CA PRO A 28 -27.92 -11.50 5.75
C PRO A 28 -27.96 -10.36 6.75
N ASP A 29 -28.74 -10.51 7.81
CA ASP A 29 -28.80 -9.45 8.80
C ASP A 29 -27.49 -9.30 9.56
N GLN A 30 -26.85 -10.41 9.94
CA GLN A 30 -25.55 -10.32 10.60
C GLN A 30 -24.55 -9.64 9.68
N LEU A 31 -24.57 -9.99 8.39
CA LEU A 31 -23.61 -9.42 7.46
C LEU A 31 -23.83 -7.92 7.35
N TYR A 32 -25.09 -7.54 7.19
CA TYR A 32 -25.41 -6.13 7.01
C TYR A 32 -24.99 -5.31 8.20
N THR A 33 -25.36 -5.77 9.41
CA THR A 33 -25.02 -4.97 10.59
C THR A 33 -23.51 -4.94 10.83
N THR A 34 -22.82 -6.06 10.58
CA THR A 34 -21.38 -6.08 10.73
C THR A 34 -20.72 -5.09 9.79
N LEU A 35 -21.12 -5.10 8.52
CA LEU A 35 -20.54 -4.17 7.56
C LEU A 35 -20.90 -2.72 7.90
N LYS A 36 -22.14 -2.48 8.33
CA LYS A 36 -22.56 -1.17 8.77
C LYS A 36 -21.67 -0.67 9.91
N ASN A 37 -21.48 -1.53 10.91
CA ASN A 37 -20.67 -1.14 12.07
C ASN A 37 -19.23 -0.91 11.69
N LEU A 38 -18.68 -1.72 10.79
CA LEU A 38 -17.36 -1.49 10.31
C LEU A 38 -17.25 -0.16 9.55
N LEU A 39 -18.12 0.06 8.57
CA LEU A 39 -18.02 1.27 7.76
C LEU A 39 -18.13 2.53 8.62
N ALA A 40 -18.98 2.49 9.65
CA ALA A 40 -19.05 3.64 10.54
C ALA A 40 -17.72 3.95 11.19
N GLN A 41 -16.98 2.92 11.60
CA GLN A 41 -15.67 3.14 12.21
C GLN A 41 -14.67 3.67 11.21
N ILE A 42 -14.62 3.09 10.00
CA ILE A 42 -13.69 3.57 8.98
C ILE A 42 -13.94 5.04 8.65
N LYS A 43 -15.21 5.45 8.54
CA LYS A 43 -15.59 6.82 8.23
C LYS A 43 -15.26 7.77 9.37
N SER A 44 -15.00 7.26 10.55
CA SER A 44 -14.63 8.06 11.72
C SER A 44 -13.14 8.29 11.87
N HIS A 45 -12.30 7.59 11.12
CA HIS A 45 -10.87 7.64 11.29
C HIS A 45 -10.31 8.93 10.66
N PRO A 46 -9.32 9.54 11.31
CA PRO A 46 -8.81 10.83 10.82
C PRO A 46 -8.18 10.76 9.45
N SER A 47 -7.72 9.60 9.03
N SER A 47 -7.73 9.59 9.03
CA SER A 47 -7.11 9.47 7.72
CA SER A 47 -7.10 9.43 7.73
C SER A 47 -8.10 9.21 6.61
C SER A 47 -8.09 9.17 6.63
N ALA A 48 -9.36 9.10 6.94
CA ALA A 48 -10.41 8.88 5.94
C ALA A 48 -10.69 10.12 5.08
N TRP A 49 -10.25 11.32 5.50
CA TRP A 49 -10.73 12.53 4.86
C TRP A 49 -10.58 12.60 3.35
N PRO A 50 -9.55 12.02 2.71
CA PRO A 50 -9.51 12.14 1.25
C PRO A 50 -10.53 11.29 0.56
N PHE A 51 -11.12 10.32 1.26
CA PHE A 51 -11.85 9.20 0.68
C PHE A 51 -13.32 9.21 1.01
N MET A 52 -13.79 10.29 1.64
CA MET A 52 -15.15 10.32 2.13
C MET A 52 -16.18 10.48 1.03
N GLU A 53 -15.83 11.17 -0.07
CA GLU A 53 -16.75 11.48 -1.16
C GLU A 53 -16.03 11.32 -2.48
N PRO A 54 -16.75 11.19 -3.60
CA PRO A 54 -16.08 11.02 -4.89
C PRO A 54 -15.13 12.14 -5.25
N VAL A 55 -14.03 11.78 -5.88
CA VAL A 55 -13.11 12.79 -6.40
C VAL A 55 -13.86 13.66 -7.40
N LYS A 56 -13.67 14.97 -7.29
CA LYS A 56 -14.29 15.90 -8.23
C LYS A 56 -13.34 16.13 -9.41
N LYS A 57 -13.91 16.37 -10.60
CA LYS A 57 -13.08 16.71 -11.76
C LYS A 57 -12.28 17.99 -11.53
N SER A 58 -12.80 18.90 -10.70
CA SER A 58 -12.02 20.10 -10.40
C SER A 58 -10.79 19.82 -9.55
N GLU A 59 -10.79 18.68 -8.84
CA GLU A 59 -9.65 18.24 -8.04
C GLU A 59 -8.66 17.41 -8.85
N ALA A 60 -9.14 16.69 -9.82
CA ALA A 60 -8.30 15.79 -10.63
C ALA A 60 -9.00 15.57 -11.96
N PRO A 61 -8.65 16.35 -13.00
CA PRO A 61 -9.54 16.48 -14.13
C PRO A 61 -9.66 15.25 -15.02
N ASP A 62 -8.66 14.40 -15.04
CA ASP A 62 -8.66 13.18 -15.80
C ASP A 62 -8.97 11.95 -14.94
N TYR A 63 -9.39 12.15 -13.71
CA TYR A 63 -9.51 11.02 -12.80
C TYR A 63 -10.40 9.91 -13.35
N TYR A 64 -11.54 10.26 -13.96
CA TYR A 64 -12.54 9.29 -14.39
C TYR A 64 -12.16 8.65 -15.72
N GLU A 65 -11.12 9.14 -16.38
CA GLU A 65 -10.54 8.36 -17.46
C GLU A 65 -9.46 7.41 -16.94
N VAL A 66 -8.62 7.84 -16.03
CA VAL A 66 -7.55 7.00 -15.50
C VAL A 66 -8.10 5.88 -14.64
N ILE A 67 -8.96 6.21 -13.67
CA ILE A 67 -9.48 5.28 -12.67
C ILE A 67 -10.86 4.85 -13.13
N ARG A 68 -10.97 3.60 -13.56
CA ARG A 68 -12.20 3.17 -14.22
C ARG A 68 -13.25 2.62 -13.27
N PHE A 69 -12.88 2.26 -12.02
CA PHE A 69 -13.81 1.85 -10.98
C PHE A 69 -13.63 2.72 -9.74
N PRO A 70 -13.97 4.00 -9.87
CA PRO A 70 -13.83 4.94 -8.77
C PRO A 70 -14.69 4.51 -7.63
N ILE A 71 -14.21 4.73 -6.41
CA ILE A 71 -14.98 4.35 -5.22
C ILE A 71 -14.53 5.20 -4.05
N ASP A 72 -15.40 5.38 -3.08
CA ASP A 72 -15.22 6.29 -1.96
C ASP A 72 -16.21 5.84 -0.90
N LEU A 73 -16.07 6.40 0.30
CA LEU A 73 -16.87 5.89 1.41
C LEU A 73 -18.34 6.29 1.39
N LYS A 74 -18.67 7.40 0.74
CA LYS A 74 -20.07 7.77 0.57
C LYS A 74 -20.75 6.82 -0.38
N THR A 75 -20.10 6.51 -1.52
CA THR A 75 -20.66 5.53 -2.43
C THR A 75 -20.77 4.16 -1.76
N MET A 76 -19.79 3.79 -0.92
CA MET A 76 -19.89 2.51 -0.19
C MET A 76 -21.06 2.53 0.77
N THR A 77 -21.33 3.69 1.37
CA THR A 77 -22.47 3.81 2.27
C THR A 77 -23.79 3.63 1.51
N GLU A 78 -23.88 4.21 0.33
CA GLU A 78 -25.06 4.06 -0.52
C GLU A 78 -25.23 2.63 -0.99
N ARG A 79 -24.13 1.97 -1.36
CA ARG A 79 -24.17 0.58 -1.75
C ARG A 79 -24.62 -0.29 -0.60
N LEU A 80 -24.05 -0.10 0.58
CA LEU A 80 -24.44 -0.85 1.74
C LEU A 80 -25.95 -0.73 1.96
N ARG A 81 -26.43 0.49 2.01
CA ARG A 81 -27.82 0.72 2.33
C ARG A 81 -28.78 0.21 1.28
N SER A 82 -28.36 0.12 0.02
CA SER A 82 -29.19 -0.46 -1.02
C SER A 82 -28.99 -1.95 -1.19
N ARG A 83 -28.30 -2.59 -0.23
CA ARG A 83 -28.08 -4.03 -0.18
C ARG A 83 -27.30 -4.54 -1.39
N TYR A 84 -26.37 -3.70 -1.85
CA TYR A 84 -25.41 -4.13 -2.86
C TYR A 84 -24.46 -5.18 -2.32
N TYR A 85 -24.04 -5.08 -1.04
CA TYR A 85 -23.00 -5.95 -0.49
C TYR A 85 -23.60 -7.23 0.05
N VAL A 86 -24.06 -8.07 -0.89
CA VAL A 86 -24.70 -9.33 -0.53
C VAL A 86 -23.69 -10.36 -0.05
N THR A 87 -22.39 -10.12 -0.28
CA THR A 87 -21.32 -10.92 0.29
C THR A 87 -20.33 -9.99 0.98
N ARG A 88 -19.64 -10.54 1.98
CA ARG A 88 -18.51 -9.86 2.60
C ARG A 88 -17.47 -9.49 1.57
N LYS A 89 -17.19 -10.40 0.63
CA LYS A 89 -16.14 -10.12 -0.33
C LYS A 89 -16.44 -8.90 -1.20
N LEU A 90 -17.71 -8.70 -1.58
CA LEU A 90 -18.05 -7.51 -2.40
C LEU A 90 -17.71 -6.23 -1.66
N PHE A 91 -17.98 -6.20 -0.34
CA PHE A 91 -17.61 -5.03 0.46
C PHE A 91 -16.10 -4.86 0.53
N VAL A 92 -15.39 -5.94 0.86
CA VAL A 92 -13.94 -5.87 0.98
C VAL A 92 -13.30 -5.46 -0.34
N ALA A 93 -13.82 -5.94 -1.47
CA ALA A 93 -13.29 -5.54 -2.76
C ALA A 93 -13.38 -4.03 -2.91
N ASP A 94 -14.53 -3.45 -2.56
CA ASP A 94 -14.68 -2.02 -2.73
C ASP A 94 -13.75 -1.25 -1.81
N LEU A 95 -13.67 -1.65 -0.56
CA LEU A 95 -12.81 -1.00 0.41
C LEU A 95 -11.35 -1.04 0.01
N GLN A 96 -10.91 -2.19 -0.45
CA GLN A 96 -9.53 -2.32 -0.88
C GLN A 96 -9.26 -1.47 -2.13
N ARG A 97 -10.28 -1.33 -2.98
CA ARG A 97 -10.13 -0.52 -4.19
C ARG A 97 -10.01 0.97 -3.89
N VAL A 98 -10.62 1.48 -2.80
CA VAL A 98 -10.34 2.85 -2.38
C VAL A 98 -8.84 3.09 -2.33
N ILE A 99 -8.14 2.15 -1.66
CA ILE A 99 -6.71 2.26 -1.44
C ILE A 99 -5.93 2.04 -2.75
N ALA A 100 -6.32 1.00 -3.50
CA ALA A 100 -5.63 0.71 -4.77
C ALA A 100 -5.74 1.84 -5.75
N ASN A 101 -6.94 2.43 -5.88
CA ASN A 101 -7.09 3.56 -6.78
C ASN A 101 -6.20 4.71 -6.37
N CYS A 102 -6.09 4.98 -5.07
CA CYS A 102 -5.23 6.03 -4.59
C CYS A 102 -3.78 5.78 -4.96
N ARG A 103 -3.33 4.54 -4.82
CA ARG A 103 -1.93 4.21 -5.13
C ARG A 103 -1.68 4.21 -6.65
N GLU A 104 -2.71 3.94 -7.44
CA GLU A 104 -2.53 3.96 -8.90
C GLU A 104 -2.50 5.39 -9.42
N TYR A 105 -3.35 6.27 -8.88
CA TYR A 105 -3.48 7.61 -9.42
C TYR A 105 -2.39 8.55 -8.94
N ASN A 106 -2.00 8.48 -7.65
CA ASN A 106 -1.17 9.48 -7.03
C ASN A 106 0.27 9.06 -6.94
N PRO A 107 1.18 10.01 -6.79
CA PRO A 107 2.59 9.64 -6.62
C PRO A 107 2.76 8.80 -5.38
N PRO A 108 3.67 7.84 -5.40
CA PRO A 108 3.79 6.92 -4.26
C PRO A 108 4.19 7.61 -2.97
N ASP A 109 4.91 8.72 -3.05
CA ASP A 109 5.27 9.54 -1.90
C ASP A 109 4.37 10.77 -1.91
N SER A 110 3.23 10.70 -1.27
CA SER A 110 2.27 11.80 -1.32
C SER A 110 1.37 11.74 -0.10
N GLU A 111 0.79 12.88 0.24
N GLU A 111 0.79 12.89 0.25
CA GLU A 111 -0.12 12.93 1.37
CA GLU A 111 -0.12 12.93 1.37
C GLU A 111 -1.29 11.97 1.18
C GLU A 111 -1.29 11.96 1.18
N TYR A 112 -1.85 11.89 -0.03
CA TYR A 112 -2.99 10.99 -0.24
C TYR A 112 -2.60 9.53 -0.01
N CYS A 113 -1.42 9.12 -0.51
CA CYS A 113 -0.92 7.76 -0.26
C CYS A 113 -0.57 7.55 1.20
N ARG A 114 -0.07 8.57 1.93
CA ARG A 114 0.14 8.40 3.37
C ARG A 114 -1.18 8.16 4.07
N CYS A 115 -2.20 8.93 3.73
CA CYS A 115 -3.50 8.72 4.33
C CYS A 115 -4.06 7.34 3.99
N ALA A 116 -3.91 6.94 2.73
CA ALA A 116 -4.38 5.63 2.32
C ALA A 116 -3.72 4.53 3.14
N SER A 117 -2.39 4.61 3.33
CA SER A 117 -1.67 3.60 4.12
C SER A 117 -2.16 3.59 5.58
N ALA A 118 -2.44 4.76 6.12
CA ALA A 118 -2.88 4.83 7.51
C ALA A 118 -4.28 4.27 7.64
N LEU A 119 -5.15 4.61 6.70
CA LEU A 119 -6.51 4.08 6.74
C LEU A 119 -6.52 2.56 6.56
N GLU A 120 -5.71 2.08 5.64
CA GLU A 120 -5.57 0.66 5.39
C GLU A 120 -5.13 -0.09 6.64
N LYS A 121 -4.11 0.43 7.31
CA LYS A 121 -3.62 -0.20 8.53
C LYS A 121 -4.77 -0.34 9.53
N PHE A 122 -5.49 0.76 9.73
CA PHE A 122 -6.64 0.73 10.63
C PHE A 122 -7.68 -0.27 10.20
N PHE A 123 -8.10 -0.24 8.94
CA PHE A 123 -9.19 -1.13 8.57
C PHE A 123 -8.79 -2.58 8.52
N TYR A 124 -7.50 -2.92 8.38
CA TYR A 124 -7.13 -4.31 8.55
C TYR A 124 -7.20 -4.71 10.01
N PHE A 125 -6.83 -3.80 10.94
CA PHE A 125 -7.06 -4.11 12.36
C PHE A 125 -8.55 -4.40 12.58
N LYS A 126 -9.42 -3.56 12.00
CA LYS A 126 -10.85 -3.74 12.25
C LYS A 126 -11.40 -4.97 11.54
N LEU A 127 -10.90 -5.28 10.35
CA LEU A 127 -11.39 -6.48 9.66
C LEU A 127 -11.00 -7.72 10.45
N LYS A 128 -9.83 -7.73 11.06
CA LYS A 128 -9.40 -8.87 11.85
C LYS A 128 -10.22 -8.96 13.12
N GLU A 129 -10.45 -7.80 13.77
CA GLU A 129 -11.28 -7.78 14.98
C GLU A 129 -12.65 -8.37 14.75
N GLY A 130 -13.24 -8.09 13.58
CA GLY A 130 -14.55 -8.53 13.21
C GLY A 130 -14.64 -9.90 12.62
N GLY A 131 -13.53 -10.61 12.53
CA GLY A 131 -13.55 -11.94 11.93
C GLY A 131 -13.80 -11.97 10.45
N LEU A 132 -13.51 -10.88 9.76
CA LEU A 132 -13.87 -10.77 8.36
C LEU A 132 -12.71 -11.17 7.46
N ILE A 133 -11.50 -11.20 8.01
CA ILE A 133 -10.35 -11.85 7.41
C ILE A 133 -9.61 -12.59 8.53
N ASP A 134 -8.71 -13.48 8.16
CA ASP A 134 -7.94 -14.23 9.16
C ASP A 134 -6.94 -13.35 9.91
N ASP B 29 31.09 11.11 -4.30
CA ASP B 29 31.15 10.16 -3.20
C ASP B 29 30.35 10.55 -1.97
N GLN B 30 29.93 11.81 -1.89
CA GLN B 30 28.88 12.17 -0.95
C GLN B 30 27.64 11.31 -1.17
N LEU B 31 27.18 11.21 -2.44
CA LEU B 31 25.96 10.46 -2.72
C LEU B 31 26.12 9.02 -2.27
N TYR B 32 27.20 8.37 -2.71
CA TYR B 32 27.44 6.98 -2.35
C TYR B 32 27.36 6.79 -0.86
N THR B 33 27.95 7.71 -0.10
CA THR B 33 27.96 7.55 1.34
C THR B 33 26.57 7.73 1.93
N THR B 34 25.81 8.70 1.42
CA THR B 34 24.43 8.86 1.83
C THR B 34 23.63 7.59 1.54
N LEU B 35 23.77 7.05 0.35
CA LEU B 35 22.95 5.88 0.00
C LEU B 35 23.36 4.66 0.82
N LYS B 36 24.66 4.50 1.07
CA LYS B 36 25.12 3.39 1.88
C LYS B 36 24.51 3.40 3.26
N ASN B 37 24.49 4.56 3.92
CA ASN B 37 23.92 4.64 5.25
C ASN B 37 22.41 4.46 5.22
N LEU B 38 21.74 5.01 4.20
CA LEU B 38 20.31 4.82 4.13
C LEU B 38 19.98 3.34 3.96
N LEU B 39 20.71 2.68 3.08
CA LEU B 39 20.46 1.26 2.82
C LEU B 39 20.67 0.44 4.08
N ALA B 40 21.76 0.72 4.81
CA ALA B 40 21.98 0.02 6.07
C ALA B 40 20.85 0.24 7.05
N GLN B 41 20.32 1.47 7.14
CA GLN B 41 19.22 1.74 8.04
C GLN B 41 17.97 0.98 7.63
N ILE B 42 17.69 0.93 6.33
CA ILE B 42 16.54 0.21 5.84
C ILE B 42 16.66 -1.28 6.13
N LYS B 43 17.84 -1.86 5.87
CA LYS B 43 18.07 -3.28 6.13
C LYS B 43 17.94 -3.64 7.60
N SER B 44 18.16 -2.67 8.51
CA SER B 44 18.06 -2.94 9.95
C SER B 44 16.65 -2.77 10.47
N HIS B 45 15.73 -2.31 9.66
CA HIS B 45 14.40 -2.04 10.14
C HIS B 45 13.65 -3.35 10.42
N PRO B 46 12.80 -3.35 11.44
CA PRO B 46 12.09 -4.58 11.82
C PRO B 46 11.22 -5.17 10.73
N SER B 47 10.79 -4.37 9.79
N SER B 47 10.78 -4.37 9.77
CA SER B 47 9.90 -4.84 8.73
CA SER B 47 9.90 -4.83 8.70
C SER B 47 10.64 -5.13 7.42
C SER B 47 10.64 -5.09 7.40
N ALA B 48 11.97 -5.07 7.44
CA ALA B 48 12.74 -5.34 6.23
C ALA B 48 12.92 -6.82 5.90
N TRP B 49 12.69 -7.71 6.86
CA TRP B 49 13.10 -9.10 6.67
C TRP B 49 12.51 -9.81 5.45
N PRO B 50 11.30 -9.50 4.94
CA PRO B 50 10.86 -10.21 3.73
C PRO B 50 11.67 -9.84 2.50
N PHE B 51 12.36 -8.70 2.55
CA PHE B 51 12.87 -8.01 1.36
C PHE B 51 14.39 -8.05 1.30
N MET B 52 15.02 -8.86 2.14
CA MET B 52 16.47 -8.85 2.22
C MET B 52 17.13 -9.64 1.11
N GLU B 53 16.50 -10.69 0.54
CA GLU B 53 17.11 -11.49 -0.50
C GLU B 53 16.03 -11.75 -1.54
N PRO B 54 16.40 -12.17 -2.74
CA PRO B 54 15.40 -12.55 -3.73
C PRO B 54 14.48 -13.64 -3.24
N VAL B 55 13.21 -13.55 -3.68
CA VAL B 55 12.26 -14.62 -3.40
C VAL B 55 12.73 -15.89 -4.05
N LYS B 56 12.62 -16.99 -3.34
CA LYS B 56 12.89 -18.31 -3.89
C LYS B 56 11.61 -18.97 -4.37
N LYS B 57 11.69 -19.71 -5.47
CA LYS B 57 10.50 -20.42 -5.95
C LYS B 57 9.98 -21.43 -4.96
N SER B 58 10.83 -21.97 -4.08
CA SER B 58 10.29 -22.82 -3.03
C SER B 58 9.38 -22.08 -2.05
N GLU B 59 9.51 -20.76 -1.94
CA GLU B 59 8.70 -19.91 -1.08
C GLU B 59 7.43 -19.46 -1.79
N ALA B 60 7.48 -19.38 -3.11
CA ALA B 60 6.44 -18.75 -3.93
C ALA B 60 6.64 -19.28 -5.35
N PRO B 61 6.12 -20.47 -5.64
CA PRO B 61 6.49 -21.14 -6.90
C PRO B 61 6.29 -20.32 -8.16
N ASP B 62 5.26 -19.48 -8.25
CA ASP B 62 4.99 -18.74 -9.48
C ASP B 62 5.50 -17.32 -9.43
N TYR B 63 6.35 -16.99 -8.44
CA TYR B 63 6.70 -15.59 -8.25
C TYR B 63 7.21 -14.94 -9.53
N TYR B 64 8.09 -15.63 -10.29
CA TYR B 64 8.75 -15.04 -11.41
C TYR B 64 7.94 -15.13 -12.68
N GLU B 65 6.84 -15.86 -12.66
CA GLU B 65 5.83 -15.77 -13.72
C GLU B 65 4.93 -14.56 -13.52
N VAL B 66 4.86 -14.02 -12.31
CA VAL B 66 4.02 -12.86 -11.99
C VAL B 66 4.80 -11.56 -11.99
N ILE B 67 5.96 -11.54 -11.33
CA ILE B 67 6.75 -10.35 -11.10
C ILE B 67 7.84 -10.29 -12.15
N ARG B 68 7.71 -9.29 -13.03
CA ARG B 68 8.61 -9.22 -14.17
C ARG B 68 9.94 -8.60 -13.83
N PHE B 69 9.98 -7.74 -12.82
CA PHE B 69 11.18 -6.98 -12.46
C PHE B 69 11.47 -7.15 -10.99
N PRO B 70 11.91 -8.33 -10.60
CA PRO B 70 12.17 -8.59 -9.17
C PRO B 70 13.32 -7.74 -8.67
N ILE B 71 13.21 -7.35 -7.40
CA ILE B 71 14.29 -6.61 -6.76
C ILE B 71 14.16 -6.83 -5.25
N ASP B 72 15.27 -6.63 -4.54
CA ASP B 72 15.38 -6.88 -3.12
C ASP B 72 16.59 -6.11 -2.61
N LEU B 73 16.76 -6.09 -1.28
CA LEU B 73 17.80 -5.24 -0.67
C LEU B 73 19.23 -5.77 -0.92
N LYS B 74 19.40 -7.10 -1.05
CA LYS B 74 20.72 -7.64 -1.41
C LYS B 74 21.12 -7.20 -2.81
N THR B 75 20.20 -7.34 -3.77
CA THR B 75 20.44 -6.88 -5.12
C THR B 75 20.77 -5.39 -5.13
N MET B 76 20.06 -4.60 -4.33
CA MET B 76 20.36 -3.17 -4.25
C MET B 76 21.74 -2.91 -3.67
N THR B 77 22.14 -3.73 -2.69
CA THR B 77 23.48 -3.62 -2.10
C THR B 77 24.53 -3.81 -3.17
N GLU B 78 24.33 -4.79 -4.06
CA GLU B 78 25.33 -4.99 -5.11
C GLU B 78 25.28 -3.87 -6.16
N ARG B 79 24.10 -3.33 -6.45
CA ARG B 79 24.02 -2.21 -7.35
C ARG B 79 24.74 -1.01 -6.76
N LEU B 80 24.63 -0.81 -5.47
CA LEU B 80 25.32 0.29 -4.82
C LEU B 80 26.82 0.14 -4.99
N ARG B 81 27.32 -1.05 -4.66
CA ARG B 81 28.77 -1.27 -4.70
C ARG B 81 29.33 -1.11 -6.11
N SER B 82 28.56 -1.50 -7.13
CA SER B 82 28.87 -1.40 -8.55
C SER B 82 28.68 0.01 -9.12
N ARG B 83 28.39 1.00 -8.29
CA ARG B 83 28.21 2.41 -8.68
C ARG B 83 27.08 2.65 -9.68
N TYR B 84 26.03 1.85 -9.58
CA TYR B 84 24.85 2.02 -10.41
C TYR B 84 24.04 3.25 -10.03
N TYR B 85 24.04 3.63 -8.76
CA TYR B 85 23.14 4.66 -8.27
C TYR B 85 23.78 6.02 -8.48
N VAL B 86 23.79 6.47 -9.73
CA VAL B 86 24.39 7.75 -10.05
C VAL B 86 23.49 8.90 -9.61
N THR B 87 22.22 8.63 -9.28
CA THR B 87 21.35 9.61 -8.66
C THR B 87 20.63 8.96 -7.49
N ARG B 88 20.21 9.78 -6.55
CA ARG B 88 19.28 9.34 -5.51
C ARG B 88 18.00 8.79 -6.09
N LYS B 89 17.51 9.39 -7.17
CA LYS B 89 16.25 8.97 -7.75
C LYS B 89 16.28 7.52 -8.21
N LEU B 90 17.42 7.04 -8.71
CA LEU B 90 17.51 5.65 -9.12
C LEU B 90 17.38 4.72 -7.92
N PHE B 91 17.93 5.11 -6.78
CA PHE B 91 17.85 4.35 -5.55
C PHE B 91 16.42 4.31 -5.04
N VAL B 92 15.75 5.46 -5.03
CA VAL B 92 14.36 5.50 -4.65
C VAL B 92 13.52 4.64 -5.57
N ALA B 93 13.82 4.66 -6.86
CA ALA B 93 13.04 3.85 -7.78
C ALA B 93 13.12 2.37 -7.41
N ASP B 94 14.31 1.89 -7.06
CA ASP B 94 14.42 0.48 -6.67
C ASP B 94 13.67 0.20 -5.38
N LEU B 95 13.79 1.08 -4.37
CA LEU B 95 13.02 0.90 -3.15
C LEU B 95 11.54 0.81 -3.48
N GLN B 96 11.05 1.69 -4.34
CA GLN B 96 9.63 1.74 -4.66
C GLN B 96 9.19 0.47 -5.37
N ARG B 97 10.08 -0.17 -6.15
CA ARG B 97 9.75 -1.39 -6.82
C ARG B 97 9.75 -2.57 -5.85
N VAL B 98 10.61 -2.55 -4.82
CA VAL B 98 10.48 -3.58 -3.78
C VAL B 98 9.04 -3.57 -3.26
N ILE B 99 8.55 -2.38 -2.91
CA ILE B 99 7.22 -2.25 -2.34
C ILE B 99 6.14 -2.59 -3.36
N ALA B 100 6.28 -2.05 -4.56
CA ALA B 100 5.28 -2.32 -5.59
C ALA B 100 5.20 -3.80 -5.95
N ASN B 101 6.34 -4.47 -6.04
CA ASN B 101 6.30 -5.89 -6.32
C ASN B 101 5.55 -6.63 -5.22
N CYS B 102 5.77 -6.26 -3.98
CA CYS B 102 5.07 -6.92 -2.89
C CYS B 102 3.57 -6.75 -3.01
N ARG B 103 3.14 -5.55 -3.32
CA ARG B 103 1.71 -5.25 -3.47
C ARG B 103 1.13 -5.90 -4.72
N GLU B 104 1.93 -6.11 -5.74
CA GLU B 104 1.45 -6.80 -6.94
C GLU B 104 1.31 -8.29 -6.70
N TYR B 105 2.31 -8.89 -6.02
CA TYR B 105 2.31 -10.35 -5.86
C TYR B 105 1.34 -10.83 -4.78
N ASN B 106 1.38 -10.20 -3.59
CA ASN B 106 0.69 -10.72 -2.43
C ASN B 106 -0.72 -10.14 -2.29
N PRO B 107 -1.58 -10.86 -1.58
CA PRO B 107 -2.88 -10.28 -1.17
C PRO B 107 -2.65 -9.04 -0.34
N PRO B 108 -3.50 -8.02 -0.50
CA PRO B 108 -3.28 -6.75 0.19
C PRO B 108 -3.33 -6.88 1.70
N ASP B 109 -4.02 -7.90 2.27
CA ASP B 109 -4.03 -8.11 3.71
C ASP B 109 -2.90 -8.99 4.23
N SER B 110 -1.93 -9.32 3.38
CA SER B 110 -0.90 -10.21 3.82
C SER B 110 0.12 -9.55 4.75
N GLU B 111 0.76 -10.39 5.58
CA GLU B 111 1.86 -9.94 6.43
C GLU B 111 2.95 -9.26 5.62
N TYR B 112 3.24 -9.77 4.41
CA TYR B 112 4.29 -9.16 3.61
C TYR B 112 3.91 -7.73 3.25
N CYS B 113 2.63 -7.49 2.90
CA CYS B 113 2.15 -6.13 2.59
C CYS B 113 2.15 -5.25 3.82
N ARG B 114 1.87 -5.81 5.01
CA ARG B 114 1.97 -5.01 6.24
C ARG B 114 3.38 -4.55 6.46
N CYS B 115 4.35 -5.45 6.23
CA CYS B 115 5.75 -5.12 6.33
C CYS B 115 6.13 -4.07 5.29
N ALA B 116 5.63 -4.23 4.07
CA ALA B 116 5.94 -3.27 3.02
C ALA B 116 5.47 -1.87 3.36
N SER B 117 4.26 -1.72 3.87
CA SER B 117 3.76 -0.41 4.25
C SER B 117 4.60 0.19 5.36
N ALA B 118 5.03 -0.63 6.32
CA ALA B 118 5.83 -0.08 7.40
C ALA B 118 7.19 0.32 6.89
N LEU B 119 7.79 -0.47 6.02
CA LEU B 119 9.10 -0.13 5.49
C LEU B 119 9.03 1.13 4.63
N GLU B 120 7.98 1.24 3.83
CA GLU B 120 7.74 2.40 2.99
C GLU B 120 7.63 3.67 3.81
N LYS B 121 6.82 3.65 4.84
CA LYS B 121 6.71 4.82 5.71
C LYS B 121 8.05 5.18 6.32
N PHE B 122 8.82 4.17 6.71
CA PHE B 122 10.14 4.43 7.26
C PHE B 122 11.06 5.05 6.22
N PHE B 123 11.13 4.46 5.03
CA PHE B 123 12.15 4.95 4.12
C PHE B 123 11.78 6.30 3.56
N TYR B 124 10.50 6.64 3.42
CA TYR B 124 10.19 7.98 2.94
C TYR B 124 10.59 9.02 3.99
N PHE B 125 10.42 8.69 5.28
CA PHE B 125 10.89 9.64 6.29
C PHE B 125 12.41 9.76 6.25
N LYS B 126 13.11 8.63 6.15
CA LYS B 126 14.57 8.67 6.17
C LYS B 126 15.14 9.37 4.95
N LEU B 127 14.50 9.28 3.79
CA LEU B 127 14.90 10.06 2.64
C LEU B 127 14.78 11.54 2.92
N LYS B 128 13.67 11.99 3.52
CA LYS B 128 13.47 13.40 3.83
C LYS B 128 14.43 13.86 4.94
N GLU B 129 14.81 12.97 5.84
CA GLU B 129 15.63 13.33 7.01
C GLU B 129 17.00 13.84 6.61
N GLY B 130 17.51 13.38 5.46
CA GLY B 130 18.81 13.85 5.00
C GLY B 130 18.78 15.27 4.52
N GLY B 131 17.65 15.74 4.03
CA GLY B 131 17.57 17.08 3.46
C GLY B 131 18.08 17.04 2.04
C7 B8O C . -11.00 16.42 -1.28
C8 B8O C . -12.48 16.09 -1.36
C6 B8O C . -10.74 17.57 2.40
C10 B8O C . -12.19 14.26 -2.54
N9 B8O C . -12.84 15.42 -2.45
C5 B8O C . -11.08 16.84 1.08
C4 B8O C . -10.60 17.18 -0.05
C1 B8O C . -9.81 18.66 2.23
C3 B8O C . -9.83 18.11 -0.22
C2 B8O C . -9.41 18.86 0.74
C11 B8O C . -10.67 14.47 -2.63
C12 B8O C . -10.23 15.13 -1.38
C14 B8O C . -14.11 15.17 -2.53
C15 B8O C . -8.99 13.10 -3.69
C17 B8O C . -7.23 11.55 -4.68
C18 B8O C . -6.80 12.65 -5.41
C19 B8O C . -7.50 13.93 -5.24
C22 B8O C . -5.83 14.14 -6.71
C23 B8O C . -6.72 14.78 -6.18
C26 B8O C . -10.56 17.80 4.77
C27 B8O C . -9.96 19.08 4.42
C29 B8O C . -8.85 10.69 -3.04
N13 B8O C . -10.04 13.20 -2.82
N16 B8O C . -8.31 11.77 -3.84
N20 B8O C . -8.51 14.13 -4.47
N21 B8O C . -5.79 12.97 -6.35
O24 B8O C . -6.72 10.36 -4.77
O25 B8O C . -11.20 17.16 3.68
O28 B8O C . -9.44 19.37 3.27
C7 B8O D . 11.91 -15.32 3.20
C8 B8O D . 13.27 -15.20 2.61
C6 B8O D . 12.66 -14.56 6.95
C10 B8O D . 12.63 -14.09 0.84
N9 B8O D . 13.25 -15.19 1.30
C5 B8O D . 12.62 -14.56 5.38
C4 B8O D . 11.91 -15.37 4.71
C1 B8O D . 11.79 -15.56 7.56
C3 B8O D . 11.18 -16.23 5.22
C2 B8O D . 11.05 -16.42 6.50
C11 B8O D . 11.15 -14.12 1.22
C12 B8O D . 11.10 -14.14 2.70
C14 B8O D . 14.42 -15.20 0.83
C15 B8O D . 9.10 -13.19 0.25
C17 B8O D . 7.05 -12.15 -0.85
C18 B8O D . 6.47 -13.37 -0.76
C19 B8O D . 7.21 -14.49 -0.20
C22 B8O D . 5.15 -15.07 -0.83
C23 B8O D . 6.17 -15.54 -0.33
C26 B8O D . 13.12 -13.65 9.20
C27 B8O D . 12.66 -14.97 9.57
C29 B8O D . 9.07 -10.83 -0.44
N13 B8O D . 10.40 -12.98 0.70
N16 B8O D . 8.36 -12.05 -0.36
N20 B8O D . 8.42 -14.39 0.25
N21 B8O D . 5.25 -13.89 -1.12
O24 B8O D . 6.48 -11.11 -1.37
O25 B8O D . 13.39 -13.67 7.79
O28 B8O D . 11.78 -15.65 8.91
#